data_3PD5
#
_entry.id   3PD5
#
_cell.length_a   42.475
_cell.length_b   72.089
_cell.length_c   96.564
_cell.angle_alpha   90.00
_cell.angle_beta   90.00
_cell.angle_gamma   90.00
#
_symmetry.space_group_name_H-M   'P 21 21 21'
#
loop_
_entity.id
_entity.type
_entity.pdbx_description
1 polymer 'Threonyl-tRNA synthetase'
2 non-polymer GLYCEROL
3 non-polymer "5'-O-(N-(L-THREONYL)-SULFAMOYL)ADENOSINE"
4 water water
#
_entity_poly.entity_id   1
_entity_poly.type   'polypeptide(L)'
_entity_poly.pdbx_seq_one_letter_code
;MRVLLIHSDYIEYEVKDKALKNPEPISEDMKRGRMEEVLVAFISVEKVDEKNPEEVSLKAIEEISKVAEQVKAENVFVYP
FAHLSSELAKPSVAMDILNRVYQGLKERGFNVGKAPFGYYKAFKISCKGHPLAELSRTIVPEEARVE
;
_entity_poly.pdbx_strand_id   A,B
#
loop_
_chem_comp.id
_chem_comp.type
_chem_comp.name
_chem_comp.formula
GOL non-polymer GLYCEROL 'C3 H8 O3'
TSB non-polymer 5'-O-(N-(L-THREONYL)-SULFAMOYL)ADENOSINE 'C14 H21 N7 O8 S'
#
# COMPACT_ATOMS: atom_id res chain seq x y z
N MET A 1 -10.85 -10.31 -3.75
CA MET A 1 -10.02 -9.20 -4.30
C MET A 1 -9.82 -8.08 -3.28
N ARG A 2 -8.58 -7.63 -3.14
CA ARG A 2 -8.26 -6.55 -2.23
C ARG A 2 -7.78 -5.36 -3.06
N VAL A 3 -8.52 -4.26 -2.98
CA VAL A 3 -8.20 -3.07 -3.75
C VAL A 3 -7.74 -1.89 -2.92
N LEU A 4 -6.76 -1.17 -3.43
CA LEU A 4 -6.26 0.03 -2.78
C LEU A 4 -6.31 1.12 -3.84
N LEU A 5 -7.14 2.13 -3.58
CA LEU A 5 -7.30 3.25 -4.50
C LEU A 5 -6.60 4.48 -3.98
N ILE A 6 -5.74 5.05 -4.82
CA ILE A 6 -4.98 6.24 -4.46
C ILE A 6 -5.20 7.28 -5.56
N HIS A 7 -5.77 8.43 -5.20
CA HIS A 7 -5.98 9.47 -6.19
C HIS A 7 -4.64 10.19 -6.28
N SER A 8 -3.96 10.03 -7.40
CA SER A 8 -2.64 10.62 -7.55
C SER A 8 -2.41 11.65 -8.63
N ASP A 9 -1.42 12.50 -8.36
CA ASP A 9 -1.02 13.52 -9.31
C ASP A 9 -0.40 12.80 -10.50
N TYR A 10 0.09 11.60 -10.24
CA TYR A 10 0.71 10.78 -11.29
C TYR A 10 1.09 9.40 -10.78
N ILE A 11 1.32 8.51 -11.72
CA ILE A 11 1.75 7.16 -11.46
C ILE A 11 2.77 6.90 -12.56
N GLU A 12 3.92 6.38 -12.16
CA GLU A 12 4.96 6.09 -13.14
C GLU A 12 5.66 4.80 -12.75
N TYR A 13 6.00 4.00 -13.74
CA TYR A 13 6.67 2.74 -13.47
C TYR A 13 7.74 2.42 -14.49
N GLU A 14 8.62 1.50 -14.12
CA GLU A 14 9.68 1.04 -14.99
C GLU A 14 9.87 -0.44 -14.70
N VAL A 15 9.70 -1.28 -15.72
CA VAL A 15 9.86 -2.71 -15.53
C VAL A 15 11.29 -3.09 -15.18
N LYS A 16 11.43 -4.01 -14.23
CA LYS A 16 12.74 -4.48 -13.82
C LYS A 16 12.83 -5.97 -14.09
N ASP A 17 13.21 -6.76 -13.09
CA ASP A 17 13.31 -8.20 -13.31
C ASP A 17 11.93 -8.82 -13.31
N LYS A 18 11.83 -10.05 -13.81
CA LYS A 18 10.57 -10.75 -13.81
C LYS A 18 10.40 -11.28 -12.39
N ALA A 19 9.16 -11.42 -11.95
CA ALA A 19 8.86 -11.92 -10.61
C ALA A 19 8.16 -13.28 -10.72
N LEU A 20 8.03 -13.76 -11.95
CA LEU A 20 7.40 -15.05 -12.24
C LEU A 20 8.25 -15.74 -13.29
N LYS A 21 8.31 -17.08 -13.25
CA LYS A 21 9.11 -17.79 -14.24
C LYS A 21 8.69 -17.37 -15.64
N ASN A 22 7.39 -17.24 -15.86
CA ASN A 22 6.89 -16.84 -17.16
C ASN A 22 5.86 -15.73 -17.07
N PRO A 23 6.32 -14.48 -16.98
CA PRO A 23 5.46 -13.31 -16.88
C PRO A 23 4.76 -12.96 -18.19
N GLU A 24 3.91 -11.95 -18.12
CA GLU A 24 3.19 -11.47 -19.29
C GLU A 24 4.20 -10.90 -20.31
N PRO A 25 4.12 -11.31 -21.57
CA PRO A 25 5.05 -10.77 -22.57
C PRO A 25 4.69 -9.31 -22.86
N ILE A 26 5.71 -8.49 -23.11
CA ILE A 26 5.49 -7.07 -23.39
C ILE A 26 6.43 -6.44 -24.42
N SER A 27 5.92 -5.44 -25.13
CA SER A 27 6.71 -4.75 -26.13
C SER A 27 7.59 -3.71 -25.44
N GLU A 28 8.51 -3.13 -26.20
CA GLU A 28 9.43 -2.13 -25.68
C GLU A 28 8.66 -1.02 -24.99
N ASP A 29 7.64 -0.53 -25.69
CA ASP A 29 6.77 0.54 -25.24
C ASP A 29 6.19 0.35 -23.84
N MET A 30 5.80 -0.88 -23.53
CA MET A 30 5.18 -1.21 -22.25
C MET A 30 6.14 -1.25 -21.05
N LYS A 31 7.46 -1.23 -21.30
CA LYS A 31 8.44 -1.26 -20.21
C LYS A 31 8.38 -0.05 -19.27
N ARG A 32 7.86 1.07 -19.76
CA ARG A 32 7.73 2.29 -18.97
C ARG A 32 6.33 2.83 -19.12
N GLY A 33 5.83 3.46 -18.08
CA GLY A 33 4.49 4.01 -18.15
C GLY A 33 4.30 5.20 -17.24
N ARG A 34 3.37 6.06 -17.60
CA ARG A 34 3.08 7.24 -16.81
C ARG A 34 1.71 7.85 -17.11
N MET A 35 0.98 8.15 -16.05
CA MET A 35 -0.35 8.78 -16.14
C MET A 35 -0.41 9.87 -15.08
N GLU A 36 -1.15 10.93 -15.35
CA GLU A 36 -1.28 12.02 -14.39
C GLU A 36 -2.76 12.25 -14.07
N GLU A 37 -3.04 12.86 -12.93
CA GLU A 37 -4.42 13.12 -12.50
C GLU A 37 -5.18 11.80 -12.65
N VAL A 38 -4.71 10.80 -11.90
CA VAL A 38 -5.25 9.47 -12.02
C VAL A 38 -5.58 8.73 -10.72
N LEU A 39 -6.64 7.94 -10.75
CA LEU A 39 -7.01 7.12 -9.60
C LEU A 39 -6.25 5.82 -9.84
N VAL A 40 -5.29 5.52 -8.98
CA VAL A 40 -4.52 4.30 -9.15
C VAL A 40 -5.11 3.17 -8.33
N ALA A 41 -5.36 2.05 -8.98
CA ALA A 41 -5.93 0.90 -8.30
C ALA A 41 -4.92 -0.25 -8.14
N PHE A 42 -4.40 -0.40 -6.93
CA PHE A 42 -3.47 -1.47 -6.61
C PHE A 42 -4.40 -2.64 -6.30
N ILE A 43 -4.26 -3.73 -7.04
CA ILE A 43 -5.14 -4.87 -6.88
C ILE A 43 -4.49 -6.22 -6.67
N SER A 44 -4.99 -6.96 -5.69
CA SER A 44 -4.51 -8.30 -5.36
C SER A 44 -5.65 -9.24 -5.68
N VAL A 45 -5.50 -10.08 -6.68
CA VAL A 45 -6.58 -11.01 -7.01
C VAL A 45 -6.41 -12.20 -6.07
N GLU A 46 -7.47 -12.51 -5.33
CA GLU A 46 -7.43 -13.59 -4.36
C GLU A 46 -7.90 -14.95 -4.85
N LYS A 47 -7.54 -15.99 -4.09
CA LYS A 47 -7.89 -17.36 -4.41
C LYS A 47 -9.40 -17.56 -4.53
N VAL A 48 -10.16 -16.96 -3.63
CA VAL A 48 -11.61 -17.09 -3.67
C VAL A 48 -12.23 -16.44 -4.91
N ASP A 49 -11.48 -15.57 -5.59
CA ASP A 49 -12.04 -14.94 -6.79
C ASP A 49 -12.06 -15.91 -7.97
N GLU A 50 -11.30 -16.99 -7.87
CA GLU A 50 -11.26 -18.00 -8.94
C GLU A 50 -12.63 -18.62 -9.18
N LYS A 51 -13.50 -18.52 -8.18
CA LYS A 51 -14.85 -19.08 -8.26
C LYS A 51 -15.79 -18.32 -9.18
N ASN A 52 -15.61 -17.02 -9.30
CA ASN A 52 -16.49 -16.23 -10.17
C ASN A 52 -15.81 -14.96 -10.69
N PRO A 53 -14.94 -15.11 -11.69
CA PRO A 53 -14.19 -14.01 -12.31
C PRO A 53 -15.10 -12.87 -12.78
N GLU A 54 -16.22 -13.22 -13.40
CA GLU A 54 -17.17 -12.24 -13.92
C GLU A 54 -17.74 -11.37 -12.82
N GLU A 55 -18.37 -11.99 -11.82
CA GLU A 55 -18.98 -11.26 -10.73
C GLU A 55 -17.95 -10.35 -10.05
N VAL A 56 -16.77 -10.90 -9.76
CA VAL A 56 -15.71 -10.14 -9.13
C VAL A 56 -15.33 -8.93 -9.97
N SER A 57 -15.06 -9.17 -11.26
CA SER A 57 -14.68 -8.09 -12.18
C SER A 57 -15.76 -7.01 -12.25
N LEU A 58 -17.00 -7.41 -12.51
CA LEU A 58 -18.10 -6.46 -12.60
C LEU A 58 -18.21 -5.55 -11.37
N LYS A 59 -18.21 -6.16 -10.19
CA LYS A 59 -18.28 -5.42 -8.94
C LYS A 59 -17.06 -4.50 -8.78
N ALA A 60 -15.88 -5.04 -9.05
CA ALA A 60 -14.64 -4.26 -8.98
C ALA A 60 -14.75 -3.08 -9.95
N ILE A 61 -15.29 -3.34 -11.13
CA ILE A 61 -15.48 -2.31 -12.15
C ILE A 61 -16.34 -1.19 -11.55
N GLU A 62 -17.47 -1.59 -11.01
CA GLU A 62 -18.44 -0.67 -10.43
C GLU A 62 -17.86 0.19 -9.31
N GLU A 63 -17.10 -0.43 -8.41
CA GLU A 63 -16.50 0.30 -7.29
C GLU A 63 -15.45 1.30 -7.70
N ILE A 64 -14.56 0.88 -8.58
CA ILE A 64 -13.52 1.78 -9.06
C ILE A 64 -14.20 2.99 -9.72
N SER A 65 -15.17 2.71 -10.60
CA SER A 65 -15.90 3.75 -11.30
C SER A 65 -16.59 4.75 -10.36
N LYS A 66 -17.31 4.23 -9.37
CA LYS A 66 -18.01 5.09 -8.43
C LYS A 66 -17.01 6.06 -7.80
N VAL A 67 -15.89 5.52 -7.33
CA VAL A 67 -14.86 6.30 -6.70
C VAL A 67 -14.21 7.27 -7.70
N ALA A 68 -13.94 6.76 -8.90
CA ALA A 68 -13.34 7.58 -9.95
C ALA A 68 -14.25 8.77 -10.22
N GLU A 69 -15.55 8.51 -10.21
CA GLU A 69 -16.53 9.55 -10.45
C GLU A 69 -16.65 10.51 -9.27
N GLN A 70 -16.59 9.96 -8.05
CA GLN A 70 -16.68 10.77 -6.84
C GLN A 70 -15.58 11.82 -6.74
N VAL A 71 -14.34 11.40 -7.04
CA VAL A 71 -13.19 12.29 -6.97
C VAL A 71 -12.88 13.07 -8.25
N LYS A 72 -13.73 12.90 -9.26
CA LYS A 72 -13.55 13.59 -10.54
C LYS A 72 -12.28 13.16 -11.27
N ALA A 73 -12.04 11.85 -11.32
CA ALA A 73 -10.87 11.33 -11.99
C ALA A 73 -11.29 10.86 -13.38
N GLU A 74 -10.58 11.30 -14.42
CA GLU A 74 -10.92 10.88 -15.79
C GLU A 74 -9.96 9.75 -16.19
N ASN A 75 -8.83 9.68 -15.52
CA ASN A 75 -7.83 8.67 -15.77
C ASN A 75 -7.80 7.64 -14.65
N VAL A 76 -7.72 6.36 -15.01
CA VAL A 76 -7.65 5.29 -14.03
C VAL A 76 -6.49 4.37 -14.40
N PHE A 77 -5.73 3.93 -13.41
CA PHE A 77 -4.60 3.05 -13.68
C PHE A 77 -4.74 1.75 -12.89
N VAL A 78 -4.76 0.64 -13.60
CA VAL A 78 -4.88 -0.67 -12.96
C VAL A 78 -3.48 -1.18 -12.66
N TYR A 79 -3.16 -1.36 -11.38
CA TYR A 79 -1.83 -1.82 -11.00
C TYR A 79 -1.77 -3.19 -10.32
N PRO A 80 -1.34 -4.23 -11.05
CA PRO A 80 -1.25 -5.57 -10.44
C PRO A 80 -0.40 -5.41 -9.18
N PHE A 81 -0.95 -5.82 -8.05
CA PHE A 81 -0.25 -5.67 -6.79
C PHE A 81 -0.52 -6.89 -5.95
N ALA A 82 0.53 -7.60 -5.56
CA ALA A 82 0.34 -8.82 -4.78
C ALA A 82 0.45 -8.68 -3.27
N HIS A 83 0.53 -7.46 -2.75
CA HIS A 83 0.68 -7.32 -1.31
C HIS A 83 -0.48 -6.77 -0.49
N LEU A 84 -1.70 -7.00 -0.92
CA LEU A 84 -2.86 -6.52 -0.16
C LEU A 84 -3.62 -7.75 0.35
N SER A 85 -3.06 -8.92 0.08
CA SER A 85 -3.69 -10.17 0.50
C SER A 85 -2.69 -11.31 0.56
N SER A 86 -3.02 -12.34 1.33
CA SER A 86 -2.15 -13.51 1.50
C SER A 86 -2.74 -14.75 0.83
N GLU A 87 -3.98 -14.63 0.36
CA GLU A 87 -4.64 -15.73 -0.34
C GLU A 87 -4.75 -15.30 -1.79
N LEU A 88 -3.60 -15.31 -2.47
CA LEU A 88 -3.52 -14.89 -3.86
C LEU A 88 -3.99 -15.92 -4.88
N ALA A 89 -4.71 -15.44 -5.89
CA ALA A 89 -5.18 -16.31 -6.96
C ALA A 89 -3.97 -16.65 -7.83
N LYS A 90 -4.00 -17.80 -8.49
CA LYS A 90 -2.88 -18.17 -9.35
C LYS A 90 -2.77 -17.12 -10.46
N PRO A 91 -1.54 -16.86 -10.93
CA PRO A 91 -1.25 -15.89 -11.98
C PRO A 91 -2.23 -15.79 -13.15
N SER A 92 -2.43 -16.88 -13.87
CA SER A 92 -3.34 -16.87 -15.02
C SER A 92 -4.74 -16.37 -14.69
N VAL A 93 -5.23 -16.66 -13.49
CA VAL A 93 -6.57 -16.22 -13.10
C VAL A 93 -6.57 -14.74 -12.76
N ALA A 94 -5.53 -14.29 -12.06
CA ALA A 94 -5.41 -12.89 -11.68
C ALA A 94 -5.27 -12.03 -12.91
N MET A 95 -4.43 -12.45 -13.84
CA MET A 95 -4.24 -11.66 -15.04
C MET A 95 -5.54 -11.52 -15.80
N ASP A 96 -6.30 -12.61 -15.90
CA ASP A 96 -7.57 -12.61 -16.60
C ASP A 96 -8.56 -11.64 -15.94
N ILE A 97 -8.67 -11.73 -14.63
CA ILE A 97 -9.59 -10.86 -13.91
C ILE A 97 -9.12 -9.40 -13.99
N LEU A 98 -7.82 -9.18 -13.96
CA LEU A 98 -7.27 -7.83 -14.04
C LEU A 98 -7.59 -7.22 -15.40
N ASN A 99 -7.46 -8.03 -16.44
CA ASN A 99 -7.73 -7.56 -17.78
C ASN A 99 -9.22 -7.22 -17.95
N ARG A 100 -10.09 -8.03 -17.36
CA ARG A 100 -11.53 -7.81 -17.45
C ARG A 100 -11.90 -6.50 -16.77
N VAL A 101 -11.23 -6.19 -15.67
CA VAL A 101 -11.49 -4.97 -14.94
C VAL A 101 -11.03 -3.78 -15.79
N TYR A 102 -9.87 -3.93 -16.41
CA TYR A 102 -9.28 -2.92 -17.27
C TYR A 102 -10.20 -2.64 -18.47
N GLN A 103 -10.72 -3.71 -19.07
CA GLN A 103 -11.61 -3.57 -20.21
C GLN A 103 -12.92 -2.90 -19.81
N GLY A 104 -13.46 -3.29 -18.66
CA GLY A 104 -14.70 -2.72 -18.18
C GLY A 104 -14.60 -1.25 -17.84
N LEU A 105 -13.42 -0.82 -17.38
CA LEU A 105 -13.20 0.57 -17.05
C LEU A 105 -13.06 1.36 -18.36
N LYS A 106 -12.47 0.72 -19.36
CA LYS A 106 -12.31 1.36 -20.67
C LYS A 106 -13.72 1.52 -21.23
N GLU A 107 -14.52 0.47 -21.11
CA GLU A 107 -15.89 0.47 -21.59
C GLU A 107 -16.70 1.63 -21.03
N ARG A 108 -16.50 1.93 -19.74
CA ARG A 108 -17.21 3.02 -19.06
C ARG A 108 -16.79 4.40 -19.58
N GLY A 109 -15.74 4.45 -20.39
CA GLY A 109 -15.29 5.72 -20.93
C GLY A 109 -14.02 6.33 -20.35
N PHE A 110 -13.46 5.71 -19.32
CA PHE A 110 -12.25 6.21 -18.68
C PHE A 110 -11.00 6.04 -19.54
N ASN A 111 -10.04 6.95 -19.38
CA ASN A 111 -8.77 6.81 -20.09
C ASN A 111 -8.09 5.81 -19.15
N VAL A 112 -7.86 4.60 -19.63
CA VAL A 112 -7.29 3.58 -18.75
C VAL A 112 -5.92 3.03 -19.09
N GLY A 113 -5.06 2.96 -18.08
CA GLY A 113 -3.73 2.42 -18.27
C GLY A 113 -3.55 1.22 -17.35
N LYS A 114 -2.46 0.48 -17.53
CA LYS A 114 -2.18 -0.69 -16.70
C LYS A 114 -0.68 -0.94 -16.69
N ALA A 115 -0.23 -1.69 -15.70
CA ALA A 115 1.18 -2.01 -15.61
C ALA A 115 1.35 -3.49 -15.93
N PRO A 116 2.46 -3.86 -16.58
CA PRO A 116 2.69 -5.27 -16.92
C PRO A 116 2.64 -6.22 -15.74
N PHE A 117 1.95 -7.35 -15.94
CA PHE A 117 1.76 -8.39 -14.95
C PHE A 117 2.94 -9.34 -14.81
N GLY A 118 3.37 -9.58 -13.58
CA GLY A 118 4.47 -10.52 -13.36
C GLY A 118 5.89 -9.99 -13.29
N TYR A 119 6.06 -8.67 -13.25
CA TYR A 119 7.38 -8.07 -13.17
C TYR A 119 7.53 -7.19 -11.93
N TYR A 120 8.75 -7.09 -11.43
CA TYR A 120 9.02 -6.21 -10.31
C TYR A 120 9.11 -4.88 -11.03
N LYS A 121 8.55 -3.82 -10.44
CA LYS A 121 8.59 -2.52 -11.08
C LYS A 121 8.94 -1.40 -10.14
N ALA A 122 9.88 -0.56 -10.54
CA ALA A 122 10.23 0.59 -9.73
C ALA A 122 9.05 1.49 -10.10
N PHE A 123 8.52 2.23 -9.14
CA PHE A 123 7.41 3.12 -9.46
C PHE A 123 7.37 4.36 -8.58
N LYS A 124 6.79 5.42 -9.12
CA LYS A 124 6.65 6.69 -8.43
C LYS A 124 5.17 7.02 -8.36
N ILE A 125 4.72 7.54 -7.23
CA ILE A 125 3.34 7.91 -7.09
C ILE A 125 3.23 9.09 -6.10
N SER A 126 2.20 9.91 -6.30
CA SER A 126 1.98 11.09 -5.47
C SER A 126 0.51 11.18 -5.09
N CYS A 127 0.19 10.82 -3.85
CA CYS A 127 -1.18 10.85 -3.35
C CYS A 127 -1.59 12.27 -3.01
N LYS A 128 -2.79 12.67 -3.44
CA LYS A 128 -3.29 14.02 -3.14
C LYS A 128 -3.72 14.04 -1.68
N GLY A 129 -3.78 15.22 -1.10
CA GLY A 129 -4.14 15.28 0.30
C GLY A 129 -5.52 14.83 0.74
N HIS A 130 -6.54 15.29 0.02
CA HIS A 130 -7.94 15.05 0.34
C HIS A 130 -8.43 13.70 0.90
N PRO A 131 -9.53 13.74 1.67
CA PRO A 131 -10.25 12.64 2.36
C PRO A 131 -10.60 11.41 1.55
N LEU A 132 -10.73 11.56 0.24
CA LEU A 132 -11.10 10.44 -0.61
C LEU A 132 -9.97 9.90 -1.48
N ALA A 133 -8.78 10.48 -1.33
CA ALA A 133 -7.61 10.09 -2.13
C ALA A 133 -6.93 8.79 -1.71
N GLU A 134 -7.42 8.18 -0.63
CA GLU A 134 -6.82 6.95 -0.10
C GLU A 134 -7.93 6.02 0.39
N LEU A 135 -8.39 5.12 -0.48
CA LEU A 135 -9.47 4.20 -0.13
C LEU A 135 -9.16 2.74 -0.40
N SER A 136 -9.71 1.86 0.42
CA SER A 136 -9.49 0.43 0.25
C SER A 136 -10.83 -0.28 0.20
N ARG A 137 -10.90 -1.36 -0.56
CA ARG A 137 -12.14 -2.12 -0.68
C ARG A 137 -11.85 -3.61 -0.80
N THR A 138 -12.86 -4.42 -0.50
CA THR A 138 -12.73 -5.87 -0.56
C THR A 138 -13.88 -6.44 -1.38
N ILE A 139 -13.60 -6.87 -2.60
CA ILE A 139 -14.63 -7.44 -3.46
C ILE A 139 -14.43 -8.94 -3.60
N VAL A 140 -15.43 -9.73 -3.25
CA VAL A 140 -15.34 -11.18 -3.36
C VAL A 140 -16.62 -11.80 -3.88
N PRO A 141 -16.53 -13.00 -4.47
CA PRO A 141 -17.72 -13.67 -5.00
C PRO A 141 -18.72 -14.00 -3.90
N GLU A 142 -19.96 -13.53 -4.07
CA GLU A 142 -21.01 -13.80 -3.10
C GLU A 142 -21.53 -15.23 -3.30
N MET B 1 -1.13 -7.22 13.04
CA MET B 1 -0.47 -6.07 12.33
C MET B 1 -0.11 -6.40 10.89
N ARG B 2 -0.53 -5.54 9.97
CA ARG B 2 -0.23 -5.73 8.55
C ARG B 2 0.77 -4.66 8.15
N VAL B 3 1.89 -5.10 7.57
CA VAL B 3 2.93 -4.18 7.17
C VAL B 3 3.33 -4.30 5.70
N LEU B 4 3.43 -3.16 5.02
CA LEU B 4 3.83 -3.12 3.62
C LEU B 4 5.13 -2.33 3.57
N LEU B 5 6.21 -2.99 3.17
CA LEU B 5 7.52 -2.37 3.12
C LEU B 5 7.94 -1.96 1.72
N ILE B 6 8.35 -0.71 1.58
CA ILE B 6 8.77 -0.21 0.29
C ILE B 6 10.13 0.45 0.41
N HIS B 7 11.13 -0.15 -0.24
CA HIS B 7 12.47 0.40 -0.23
C HIS B 7 12.42 1.45 -1.32
N SER B 8 12.49 2.72 -0.92
CA SER B 8 12.40 3.76 -1.91
C SER B 8 13.47 4.83 -1.91
N ASP B 9 13.56 5.53 -3.04
CA ASP B 9 14.52 6.61 -3.23
C ASP B 9 14.25 7.72 -2.22
N TYR B 10 12.98 7.84 -1.78
CA TYR B 10 12.58 8.86 -0.82
C TYR B 10 11.12 8.72 -0.45
N ILE B 11 10.73 9.43 0.60
CA ILE B 11 9.36 9.51 1.08
C ILE B 11 9.18 10.97 1.48
N GLU B 12 8.01 11.50 1.20
CA GLU B 12 7.72 12.87 1.53
C GLU B 12 6.23 12.95 1.76
N TYR B 13 5.81 13.77 2.73
CA TYR B 13 4.40 13.89 3.04
C TYR B 13 4.06 15.31 3.46
N GLU B 14 2.76 15.58 3.58
CA GLU B 14 2.26 16.88 4.01
C GLU B 14 0.89 16.64 4.59
N VAL B 15 0.71 17.04 5.84
CA VAL B 15 -0.56 16.89 6.54
C VAL B 15 -1.64 17.75 5.89
N LYS B 16 -2.85 17.23 5.83
CA LYS B 16 -3.98 17.97 5.27
C LYS B 16 -5.08 18.03 6.32
N ASP B 17 -6.26 17.51 6.00
CA ASP B 17 -7.35 17.53 6.97
C ASP B 17 -7.19 16.35 7.93
N LYS B 18 -8.01 16.34 8.98
CA LYS B 18 -7.95 15.29 9.99
C LYS B 18 -8.89 14.14 9.65
N ALA B 19 -8.39 12.91 9.80
CA ALA B 19 -9.16 11.71 9.50
C ALA B 19 -9.97 11.25 10.71
N LEU B 20 -9.45 11.52 11.91
CA LEU B 20 -10.15 11.13 13.14
C LEU B 20 -10.60 12.38 13.88
N LYS B 21 -11.56 12.22 14.79
CA LYS B 21 -12.05 13.36 15.55
C LYS B 21 -10.99 13.82 16.54
N ASN B 22 -10.42 12.87 17.29
CA ASN B 22 -9.39 13.18 18.26
C ASN B 22 -8.06 12.61 17.78
N PRO B 23 -7.40 13.30 16.83
CA PRO B 23 -6.12 12.85 16.28
C PRO B 23 -4.93 13.33 17.10
N GLU B 24 -3.81 12.62 16.94
CA GLU B 24 -2.56 12.92 17.62
C GLU B 24 -2.15 14.40 17.45
N PRO B 25 -1.80 15.10 18.55
CA PRO B 25 -1.40 16.50 18.46
C PRO B 25 -0.02 16.57 17.82
N ILE B 26 0.25 17.65 17.07
CA ILE B 26 1.53 17.77 16.38
C ILE B 26 2.14 19.17 16.39
N SER B 27 3.47 19.21 16.25
CA SER B 27 4.19 20.47 16.22
C SER B 27 4.20 20.96 14.78
N GLU B 28 4.73 22.17 14.56
CA GLU B 28 4.80 22.73 13.22
C GLU B 28 5.60 21.88 12.26
N ASP B 29 6.78 21.44 12.69
CA ASP B 29 7.68 20.62 11.86
C ASP B 29 7.09 19.26 11.46
N MET B 30 6.26 18.70 12.31
CA MET B 30 5.67 17.40 12.03
C MET B 30 4.68 17.44 10.86
N LYS B 31 4.39 18.65 10.38
CA LYS B 31 3.46 18.84 9.28
C LYS B 31 4.00 18.31 7.95
N ARG B 32 5.29 18.51 7.72
CA ARG B 32 5.92 18.06 6.49
C ARG B 32 7.18 17.21 6.76
N GLY B 33 7.45 16.27 5.86
CA GLY B 33 8.61 15.42 6.03
C GLY B 33 9.18 14.92 4.72
N ARG B 34 10.47 14.62 4.74
CA ARG B 34 11.17 14.12 3.57
C ARG B 34 12.38 13.35 4.06
N MET B 35 12.52 12.11 3.60
CA MET B 35 13.63 11.27 3.99
C MET B 35 14.11 10.52 2.74
N GLU B 36 15.43 10.46 2.57
CA GLU B 36 16.05 9.78 1.42
C GLU B 36 16.39 8.32 1.71
N GLU B 37 16.67 7.58 0.63
CA GLU B 37 17.08 6.18 0.69
C GLU B 37 16.51 5.49 1.93
N VAL B 38 15.20 5.37 1.95
CA VAL B 38 14.52 4.82 3.09
C VAL B 38 13.63 3.61 2.84
N LEU B 39 13.59 2.73 3.83
CA LEU B 39 12.70 1.58 3.76
C LEU B 39 11.45 2.14 4.45
N VAL B 40 10.37 2.27 3.70
CA VAL B 40 9.12 2.79 4.25
C VAL B 40 8.18 1.70 4.75
N ALA B 41 7.79 1.81 6.02
CA ALA B 41 6.90 0.85 6.63
C ALA B 41 5.50 1.42 6.81
N PHE B 42 4.59 0.95 5.97
CA PHE B 42 3.19 1.34 6.04
C PHE B 42 2.61 0.28 6.96
N ILE B 43 2.03 0.72 8.06
CA ILE B 43 1.49 -0.21 9.04
C ILE B 43 0.04 -0.02 9.44
N SER B 44 -0.70 -1.12 9.42
CA SER B 44 -2.10 -1.11 9.85
C SER B 44 -2.15 -1.90 11.16
N VAL B 45 -2.42 -1.18 12.25
CA VAL B 45 -2.49 -1.83 13.54
C VAL B 45 -3.86 -2.47 13.67
N GLU B 46 -3.87 -3.76 13.98
CA GLU B 46 -5.13 -4.50 14.09
C GLU B 46 -5.63 -4.76 15.49
N LYS B 47 -6.89 -5.19 15.55
CA LYS B 47 -7.58 -5.52 16.79
C LYS B 47 -6.84 -6.61 17.58
N VAL B 48 -6.34 -7.63 16.88
CA VAL B 48 -5.62 -8.70 17.56
C VAL B 48 -4.36 -8.23 18.27
N ASP B 49 -3.79 -7.11 17.79
CA ASP B 49 -2.57 -6.58 18.39
C ASP B 49 -2.83 -6.00 19.80
N GLU B 50 -4.07 -5.64 20.08
CA GLU B 50 -4.41 -5.09 21.39
C GLU B 50 -4.08 -6.09 22.50
N LYS B 51 -4.24 -7.38 22.19
CA LYS B 51 -3.98 -8.47 23.13
C LYS B 51 -2.60 -8.38 23.80
N ASN B 52 -1.62 -7.88 23.07
CA ASN B 52 -0.26 -7.78 23.60
C ASN B 52 0.58 -6.77 22.81
N PRO B 53 0.40 -5.47 23.11
CA PRO B 53 1.13 -4.37 22.45
C PRO B 53 2.65 -4.53 22.39
N GLU B 54 3.28 -4.70 23.55
CA GLU B 54 4.73 -4.83 23.63
C GLU B 54 5.29 -5.96 22.74
N GLU B 55 4.65 -7.12 22.81
CA GLU B 55 5.09 -8.28 22.04
C GLU B 55 5.01 -8.03 20.54
N VAL B 56 3.83 -7.60 20.07
CA VAL B 56 3.64 -7.34 18.64
C VAL B 56 4.64 -6.31 18.15
N SER B 57 4.89 -5.28 18.96
CA SER B 57 5.84 -4.24 18.56
C SER B 57 7.25 -4.82 18.39
N LEU B 58 7.68 -5.64 19.35
CA LEU B 58 9.00 -6.26 19.27
C LEU B 58 9.10 -7.15 18.03
N LYS B 59 8.03 -7.87 17.72
CA LYS B 59 8.02 -8.74 16.56
C LYS B 59 8.07 -7.92 15.27
N ALA B 60 7.46 -6.74 15.28
CA ALA B 60 7.47 -5.89 14.10
C ALA B 60 8.82 -5.17 13.98
N ILE B 61 9.37 -4.74 15.11
CA ILE B 61 10.67 -4.09 15.13
C ILE B 61 11.71 -5.07 14.56
N GLU B 62 11.53 -6.35 14.88
CA GLU B 62 12.44 -7.40 14.42
C GLU B 62 12.36 -7.59 12.92
N GLU B 63 11.16 -7.82 12.41
CA GLU B 63 10.98 -8.04 10.98
C GLU B 63 11.44 -6.87 10.14
N ILE B 64 10.98 -5.67 10.51
CA ILE B 64 11.35 -4.47 9.78
C ILE B 64 12.87 -4.31 9.80
N SER B 65 13.47 -4.54 10.96
CA SER B 65 14.93 -4.42 11.07
C SER B 65 15.61 -5.43 10.15
N LYS B 66 15.06 -6.64 10.10
CA LYS B 66 15.63 -7.69 9.25
C LYS B 66 15.62 -7.29 7.77
N VAL B 67 14.49 -6.79 7.29
CA VAL B 67 14.38 -6.38 5.90
C VAL B 67 15.27 -5.16 5.60
N ALA B 68 15.38 -4.24 6.54
CA ALA B 68 16.21 -3.06 6.34
C ALA B 68 17.64 -3.50 6.08
N GLU B 69 18.06 -4.55 6.78
CA GLU B 69 19.41 -5.10 6.67
C GLU B 69 19.62 -5.79 5.33
N GLN B 70 18.61 -6.54 4.87
CA GLN B 70 18.71 -7.25 3.61
C GLN B 70 18.93 -6.32 2.43
N VAL B 71 18.31 -5.14 2.47
CA VAL B 71 18.44 -4.16 1.40
C VAL B 71 19.44 -3.06 1.74
N LYS B 72 20.10 -3.20 2.89
CA LYS B 72 21.07 -2.19 3.30
C LYS B 72 20.42 -0.81 3.46
N ALA B 73 19.28 -0.76 4.16
CA ALA B 73 18.60 0.50 4.40
C ALA B 73 19.08 1.10 5.73
N GLU B 74 19.62 2.31 5.67
CA GLU B 74 20.07 3.01 6.88
C GLU B 74 18.95 3.87 7.45
N ASN B 75 17.97 4.18 6.61
CA ASN B 75 16.85 5.00 7.02
C ASN B 75 15.55 4.20 6.98
N VAL B 76 14.72 4.39 7.99
CA VAL B 76 13.44 3.69 8.09
C VAL B 76 12.35 4.72 8.43
N PHE B 77 11.18 4.56 7.83
CA PHE B 77 10.08 5.49 8.08
C PHE B 77 8.80 4.75 8.46
N VAL B 78 8.26 5.10 9.63
CA VAL B 78 7.01 4.50 10.09
C VAL B 78 5.87 5.35 9.60
N TYR B 79 5.03 4.77 8.75
CA TYR B 79 3.89 5.46 8.17
C TYR B 79 2.56 4.83 8.58
N PRO B 80 1.79 5.52 9.43
CA PRO B 80 0.48 5.02 9.89
C PRO B 80 -0.41 4.85 8.67
N PHE B 81 -0.86 3.61 8.42
CA PHE B 81 -1.69 3.32 7.25
C PHE B 81 -2.88 2.44 7.63
N ALA B 82 -4.08 2.89 7.31
CA ALA B 82 -5.27 2.13 7.68
C ALA B 82 -5.86 1.23 6.59
N HIS B 83 -5.15 1.04 5.48
CA HIS B 83 -5.72 0.24 4.40
C HIS B 83 -5.18 -1.14 4.12
N LEU B 84 -4.37 -1.68 5.02
CA LEU B 84 -3.83 -3.01 4.80
C LEU B 84 -4.64 -4.04 5.58
N SER B 85 -5.64 -3.56 6.32
CA SER B 85 -6.48 -4.42 7.13
C SER B 85 -7.90 -3.88 7.25
N SER B 86 -8.86 -4.77 7.41
CA SER B 86 -10.26 -4.36 7.55
C SER B 86 -10.70 -4.44 9.02
N GLU B 87 -9.85 -5.02 9.86
CA GLU B 87 -10.13 -5.16 11.30
C GLU B 87 -9.08 -4.36 12.08
N LEU B 88 -9.23 -3.03 12.05
CA LEU B 88 -8.29 -2.13 12.70
C LEU B 88 -8.40 -1.99 14.23
N ALA B 89 -7.27 -1.68 14.85
CA ALA B 89 -7.19 -1.50 16.29
C ALA B 89 -7.73 -0.10 16.59
N LYS B 90 -8.12 0.14 17.84
CA LYS B 90 -8.64 1.46 18.21
C LYS B 90 -7.50 2.46 18.06
N PRO B 91 -7.82 3.75 17.89
CA PRO B 91 -6.83 4.81 17.73
C PRO B 91 -5.69 4.86 18.75
N SER B 92 -6.02 4.67 20.03
CA SER B 92 -5.00 4.72 21.08
C SER B 92 -4.05 3.52 21.02
N VAL B 93 -4.59 2.32 20.88
CA VAL B 93 -3.76 1.12 20.81
C VAL B 93 -2.79 1.24 19.64
N ALA B 94 -3.28 1.66 18.49
CA ALA B 94 -2.46 1.81 17.30
C ALA B 94 -1.35 2.85 17.53
N MET B 95 -1.70 3.97 18.15
CA MET B 95 -0.71 5.01 18.43
C MET B 95 0.39 4.49 19.35
N ASP B 96 0.00 3.67 20.32
CA ASP B 96 0.97 3.09 21.25
C ASP B 96 1.88 2.09 20.55
N ILE B 97 1.29 1.28 19.66
CA ILE B 97 2.08 0.29 18.93
C ILE B 97 3.05 0.99 17.98
N LEU B 98 2.56 1.97 17.23
CA LEU B 98 3.37 2.70 16.29
C LEU B 98 4.51 3.42 17.00
N ASN B 99 4.21 4.02 18.13
CA ASN B 99 5.25 4.71 18.85
C ASN B 99 6.32 3.72 19.32
N ARG B 100 5.89 2.55 19.79
CA ARG B 100 6.82 1.51 20.25
C ARG B 100 7.75 1.02 19.13
N VAL B 101 7.20 0.84 17.92
CA VAL B 101 8.01 0.37 16.80
C VAL B 101 8.98 1.47 16.37
N TYR B 102 8.51 2.70 16.32
CA TYR B 102 9.32 3.85 15.96
C TYR B 102 10.50 3.93 16.93
N GLN B 103 10.21 3.80 18.23
CA GLN B 103 11.26 3.87 19.23
C GLN B 103 12.20 2.66 19.17
N GLY B 104 11.63 1.48 18.97
CA GLY B 104 12.45 0.29 18.88
C GLY B 104 13.43 0.40 17.73
N LEU B 105 12.96 0.96 16.62
CA LEU B 105 13.79 1.13 15.44
C LEU B 105 14.96 2.07 15.70
N LYS B 106 14.72 3.12 16.50
CA LYS B 106 15.79 4.08 16.82
C LYS B 106 16.87 3.36 17.61
N GLU B 107 16.44 2.52 18.55
CA GLU B 107 17.37 1.76 19.38
C GLU B 107 18.21 0.79 18.57
N ARG B 108 17.66 0.25 17.48
CA ARG B 108 18.42 -0.68 16.65
C ARG B 108 19.47 0.06 15.82
N GLY B 109 19.63 1.35 16.09
CA GLY B 109 20.62 2.14 15.39
C GLY B 109 20.22 2.84 14.10
N PHE B 110 19.00 2.63 13.64
CA PHE B 110 18.54 3.24 12.39
C PHE B 110 18.17 4.73 12.52
N ASN B 111 18.32 5.46 11.42
CA ASN B 111 17.90 6.86 11.42
C ASN B 111 16.42 6.68 11.08
N VAL B 112 15.54 6.97 12.03
CA VAL B 112 14.11 6.75 11.82
C VAL B 112 13.27 8.01 11.66
N GLY B 113 12.21 7.87 10.86
CA GLY B 113 11.29 8.97 10.63
C GLY B 113 9.85 8.51 10.79
N LYS B 114 8.91 9.44 10.90
CA LYS B 114 7.49 9.07 11.03
C LYS B 114 6.52 10.17 10.62
N ALA B 115 5.35 9.74 10.16
CA ALA B 115 4.30 10.66 9.73
C ALA B 115 3.23 10.62 10.82
N PRO B 116 2.67 11.79 11.18
CA PRO B 116 1.64 11.91 12.21
C PRO B 116 0.38 11.06 12.02
N PHE B 117 -0.02 10.41 13.10
CA PHE B 117 -1.18 9.53 13.15
C PHE B 117 -2.50 10.31 13.10
N GLY B 118 -3.49 9.72 12.43
CA GLY B 118 -4.80 10.35 12.32
C GLY B 118 -4.94 11.60 11.47
N TYR B 119 -4.12 11.74 10.44
CA TYR B 119 -4.21 12.91 9.57
C TYR B 119 -4.17 12.54 8.09
N TYR B 120 -5.12 13.04 7.32
CA TYR B 120 -5.09 12.77 5.90
C TYR B 120 -3.79 13.42 5.45
N LYS B 121 -3.02 12.72 4.63
CA LYS B 121 -1.76 13.27 4.19
C LYS B 121 -1.48 12.98 2.74
N ALA B 122 -0.94 13.99 2.07
CA ALA B 122 -0.54 13.85 0.69
C ALA B 122 0.87 13.28 0.85
N PHE B 123 1.27 12.38 -0.04
CA PHE B 123 2.62 11.85 0.08
C PHE B 123 3.13 11.39 -1.27
N LYS B 124 4.45 11.41 -1.41
CA LYS B 124 5.10 10.97 -2.64
C LYS B 124 6.05 9.88 -2.23
N ILE B 125 6.22 8.87 -3.07
CA ILE B 125 7.15 7.80 -2.75
C ILE B 125 7.71 7.27 -4.06
N SER B 126 8.86 6.60 -3.99
CA SER B 126 9.50 6.07 -5.19
C SER B 126 10.16 4.71 -4.98
N CYS B 127 9.39 3.65 -5.13
CA CYS B 127 9.88 2.28 -4.98
C CYS B 127 11.06 2.02 -5.89
N LYS B 128 12.15 1.48 -5.35
CA LYS B 128 13.33 1.21 -6.16
C LYS B 128 13.09 0.11 -7.18
N GLY B 129 12.14 -0.78 -6.88
CA GLY B 129 11.82 -1.86 -7.80
C GLY B 129 12.71 -3.08 -7.86
N HIS B 130 13.67 -3.23 -6.96
CA HIS B 130 14.50 -4.43 -7.00
C HIS B 130 13.64 -5.53 -6.37
N PRO B 131 14.03 -6.80 -6.51
CA PRO B 131 13.29 -7.95 -5.96
C PRO B 131 12.75 -7.83 -4.53
N LEU B 132 13.45 -7.09 -3.68
CA LEU B 132 13.03 -6.94 -2.29
C LEU B 132 12.54 -5.52 -1.92
N ALA B 133 12.18 -4.72 -2.91
CA ALA B 133 11.70 -3.36 -2.64
C ALA B 133 10.21 -3.29 -2.34
N GLU B 134 9.49 -4.38 -2.58
CA GLU B 134 8.06 -4.47 -2.30
C GLU B 134 7.83 -5.73 -1.48
N LEU B 135 7.52 -5.59 -0.19
CA LEU B 135 7.28 -6.77 0.64
C LEU B 135 6.17 -6.51 1.66
N SER B 136 5.51 -7.58 2.06
CA SER B 136 4.43 -7.46 3.05
C SER B 136 4.67 -8.47 4.18
N ARG B 137 4.17 -8.15 5.35
CA ARG B 137 4.33 -9.01 6.49
C ARG B 137 3.10 -8.92 7.37
N THR B 138 2.76 -10.03 8.01
CA THR B 138 1.65 -10.11 8.92
C THR B 138 2.27 -10.49 10.27
N ILE B 139 2.08 -9.62 11.27
CA ILE B 139 2.63 -9.86 12.60
C ILE B 139 1.51 -9.85 13.64
N VAL B 140 1.51 -10.84 14.52
CA VAL B 140 0.48 -10.92 15.56
C VAL B 140 1.04 -11.47 16.87
N PRO B 141 0.37 -11.17 17.99
CA PRO B 141 0.86 -11.67 19.28
C PRO B 141 0.48 -13.13 19.45
N GLU B 142 1.33 -13.87 20.15
CA GLU B 142 1.09 -15.28 20.42
C GLU B 142 0.58 -15.42 21.86
N GLU B 143 1.38 -14.93 22.80
CA GLU B 143 1.03 -14.99 24.21
C GLU B 143 0.21 -13.79 24.64
N ALA B 144 -0.38 -13.89 25.82
CA ALA B 144 -1.18 -12.81 26.36
C ALA B 144 -0.28 -11.89 27.17
N ARG B 145 -0.62 -10.61 27.21
CA ARG B 145 0.14 -9.63 27.96
C ARG B 145 0.04 -9.90 29.47
N VAL B 146 1.16 -9.82 30.16
CA VAL B 146 1.19 -10.01 31.61
C VAL B 146 1.70 -8.70 32.21
N GLU B 147 0.93 -8.14 33.14
CA GLU B 147 1.29 -6.89 33.81
C GLU B 147 0.34 -6.64 34.96
C1 GOL C . 17.34 -0.41 -7.75
O1 GOL C . 18.61 -0.20 -7.10
C2 GOL C . 17.55 -1.09 -9.10
O2 GOL C . 16.29 -1.32 -9.72
C3 GOL C . 18.27 -2.44 -8.89
O3 GOL C . 18.42 -3.08 -10.15
CG2 TSB D . 6.45 -15.49 -4.39
N TSB D . 8.57 -13.80 -7.06
CA TSB D . 7.38 -14.44 -6.48
CB TSB D . 7.64 -14.75 -5.01
OG1 TSB D . 8.83 -15.54 -4.88
C TSB D . 6.19 -13.50 -6.59
O TSB D . 6.35 -12.30 -6.40
N8 TSB D . 5.00 -14.00 -6.91
S1 TSB D . 3.81 -12.93 -6.56
O1S TSB D . 4.17 -11.67 -5.85
O2S TSB D . 2.52 -13.62 -6.23
O5' TSB D . 3.50 -12.41 -7.86
C5' TSB D . 4.49 -11.74 -8.64
C4' TSB D . 3.85 -10.74 -9.60
O4' TSB D . 3.00 -11.37 -10.59
C3' TSB D . 2.96 -9.74 -8.86
O3' TSB D . 3.76 -8.66 -8.39
C2' TSB D . 2.10 -9.27 -10.03
O2' TSB D . 2.89 -8.51 -10.93
C1' TSB D . 1.76 -10.63 -10.64
N9 TSB D . 0.77 -11.34 -9.80
C8 TSB D . 0.79 -12.65 -9.54
N7 TSB D . -0.28 -12.98 -8.82
C5 TSB D . -0.99 -11.87 -8.62
C6 TSB D . -2.18 -11.59 -7.96
N6 TSB D . -2.87 -12.56 -7.37
N1 TSB D . -2.63 -10.33 -7.96
C2 TSB D . -1.96 -9.37 -8.56
N3 TSB D . -0.83 -9.59 -9.19
C4 TSB D . -0.31 -10.83 -9.25
CG2 TSB E . -12.56 8.01 9.80
N TSB E . -11.17 7.61 6.26
CA TSB E . -11.13 7.82 7.72
CB TSB E . -12.56 7.75 8.29
OG1 TSB E . -13.37 8.70 7.60
C TSB E . -10.26 6.72 8.35
O TSB E . -9.75 5.87 7.62
N8 TSB E . -10.09 6.74 9.67
S1 TSB E . -9.27 5.42 10.17
O1S TSB E . -8.92 4.36 9.17
O2S TSB E . -9.67 5.01 11.56
O5' TSB E . -7.97 5.96 10.42
C5' TSB E . -7.62 7.28 9.97
C4' TSB E . -6.14 7.54 10.23
O4' TSB E . -5.82 7.47 11.63
C3' TSB E . -5.29 6.47 9.54
O3' TSB E . -5.00 6.90 8.21
C2' TSB E . -4.02 6.59 10.40
O2' TSB E . -3.39 7.84 10.17
C1' TSB E . -4.69 6.59 11.78
N9 TSB E . -5.19 5.25 12.14
C8 TSB E . -6.36 4.98 12.71
N7 TSB E . -6.44 3.68 13.00
C5 TSB E . -5.31 3.11 12.60
C6 TSB E . -4.81 1.81 12.65
N6 TSB E . -5.52 0.83 13.21
N1 TSB E . -3.60 1.56 12.15
C2 TSB E . -2.87 2.53 11.62
N3 TSB E . -3.31 3.78 11.56
C4 TSB E . -4.52 4.10 12.04
#